data_5NNQ
#
_entry.id   5NNQ
#
_cell.length_a   138.638
_cell.length_b   138.638
_cell.length_c   138.638
_cell.angle_alpha   90.00
_cell.angle_beta   90.00
_cell.angle_gamma   90.00
#
_symmetry.space_group_name_H-M   'P 43 3 2'
#
loop_
_entity.id
_entity.type
_entity.pdbx_description
1 polymer ctATC
2 non-polymer GLYCEROL
3 water water
#
_entity_poly.entity_id   1
_entity_poly.type   'polypeptide(L)'
_entity_poly.pdbx_seq_one_letter_code
;PLQEMLAAPSSFKKSHVLSVTQFTRADLHLLFQIAQEMRLGVQREGVLDILRGKVLCTLFYEPSTRTSASFDAAMQRLGG
RTIPIQTSTSSVQKGETLQDTLRTLANYSDAIVLRHPDEKCVDVAKKYCPVPVINGGNGSKEHPTQAFLDLFTIREELGT
MQGLTITFVGDLLYGRPVHSLVYLLRHYQVKVQLVSPKALRLPPAVRQQLVDAGQLLCESEALTPEILGRTDVLYCTRVQ
KERFPSLAEFEAVKDSYRIDYSTLKYAKPTTVVMHPLPRNEEVAEEVDFDQRAAYFRQMRYGLYCRMALLALVMS
;
_entity_poly.pdbx_strand_id   A
#
loop_
_chem_comp.id
_chem_comp.type
_chem_comp.name
_chem_comp.formula
GOL non-polymer GLYCEROL 'C3 H8 O3'
#
# COMPACT_ATOMS: atom_id res chain seq x y z
N PRO A 1 -13.64 2.68 -23.89
CA PRO A 1 -14.14 2.33 -22.56
C PRO A 1 -13.09 2.61 -21.48
N LEU A 2 -11.84 2.32 -21.85
CA LEU A 2 -10.68 2.72 -21.08
C LEU A 2 -10.19 4.09 -21.52
N GLN A 3 -10.10 4.32 -22.83
CA GLN A 3 -9.86 5.66 -23.31
C GLN A 3 -10.94 6.60 -22.80
N GLU A 4 -12.16 6.06 -22.66
CA GLU A 4 -13.24 6.79 -22.02
C GLU A 4 -12.87 7.18 -20.59
N MET A 5 -12.66 6.17 -19.73
CA MET A 5 -12.44 6.43 -18.32
C MET A 5 -11.20 7.29 -18.06
N LEU A 6 -10.21 7.23 -18.96
CA LEU A 6 -9.04 8.10 -18.88
C LEU A 6 -9.29 9.47 -19.49
N ALA A 7 -10.37 9.62 -20.24
CA ALA A 7 -10.83 10.93 -20.63
C ALA A 7 -11.39 11.73 -19.45
N ALA A 8 -11.90 11.02 -18.42
CA ALA A 8 -12.62 11.60 -17.30
C ALA A 8 -11.78 12.58 -16.49
N PRO A 9 -12.37 13.32 -15.52
CA PRO A 9 -11.56 14.28 -14.76
C PRO A 9 -11.10 13.69 -13.44
N SER A 10 -9.87 13.98 -13.02
CA SER A 10 -9.33 13.40 -11.80
C SER A 10 -8.33 14.36 -11.17
N SER A 11 -8.24 14.29 -9.85
CA SER A 11 -7.16 14.97 -9.16
C SER A 11 -5.79 14.37 -9.51
N PHE A 12 -5.74 13.18 -10.11
CA PHE A 12 -4.44 12.56 -10.37
C PHE A 12 -3.71 13.23 -11.52
N LYS A 13 -4.43 13.74 -12.52
CA LYS A 13 -3.81 14.16 -13.76
C LYS A 13 -2.81 15.27 -13.49
N LYS A 14 -1.58 15.08 -13.99
CA LYS A 14 -0.48 16.02 -13.83
C LYS A 14 -0.12 16.30 -12.36
N SER A 15 -0.61 15.53 -11.40
CA SER A 15 -0.39 15.85 -10.00
C SER A 15 0.75 15.04 -9.39
N HIS A 16 1.42 15.61 -8.38
CA HIS A 16 2.22 14.83 -7.45
C HIS A 16 1.29 13.90 -6.69
N VAL A 17 1.78 12.68 -6.40
CA VAL A 17 1.05 11.69 -5.60
C VAL A 17 1.86 11.43 -4.35
N LEU A 18 1.62 12.23 -3.31
CA LEU A 18 2.50 12.25 -2.14
C LEU A 18 1.85 11.72 -0.87
N SER A 19 0.53 11.89 -0.73
CA SER A 19 -0.21 11.56 0.47
C SER A 19 -1.59 11.07 0.09
N VAL A 20 -2.12 10.12 0.89
CA VAL A 20 -3.51 9.68 0.74
C VAL A 20 -4.49 10.83 1.02
N THR A 21 -4.11 11.78 1.87
CA THR A 21 -4.93 12.96 2.16
C THR A 21 -5.10 13.91 0.97
N GLN A 22 -4.66 13.54 -0.22
CA GLN A 22 -4.89 14.35 -1.41
C GLN A 22 -6.10 13.89 -2.21
N PHE A 23 -6.66 12.74 -1.87
CA PHE A 23 -7.60 12.09 -2.77
C PHE A 23 -8.88 11.77 -2.04
N THR A 24 -9.98 11.90 -2.79
CA THR A 24 -11.35 11.77 -2.33
C THR A 24 -11.85 10.35 -2.57
N ARG A 25 -13.06 10.04 -2.04
CA ARG A 25 -13.63 8.73 -2.33
C ARG A 25 -13.79 8.51 -3.83
N ALA A 26 -14.17 9.55 -4.56
CA ALA A 26 -14.40 9.42 -5.98
C ALA A 26 -13.09 9.19 -6.71
N ASP A 27 -12.04 9.93 -6.33
CA ASP A 27 -10.71 9.74 -6.90
C ASP A 27 -10.34 8.25 -6.92
N LEU A 28 -10.47 7.60 -5.76
CA LEU A 28 -10.12 6.20 -5.61
C LEU A 28 -11.09 5.26 -6.32
N HIS A 29 -12.38 5.60 -6.36
CA HIS A 29 -13.32 4.78 -7.11
C HIS A 29 -12.97 4.78 -8.58
N LEU A 30 -12.63 5.95 -9.12
CA LEU A 30 -12.26 6.01 -10.53
C LEU A 30 -11.00 5.20 -10.78
N LEU A 31 -10.00 5.40 -9.90
CA LEU A 31 -8.75 4.65 -10.01
C LEU A 31 -9.01 3.16 -10.03
N PHE A 32 -9.79 2.65 -9.07
CA PHE A 32 -10.11 1.23 -9.09
C PHE A 32 -10.86 0.81 -10.35
N GLN A 33 -11.71 1.67 -10.92
CA GLN A 33 -12.32 1.31 -12.19
C GLN A 33 -11.25 1.06 -13.24
N ILE A 34 -10.42 2.08 -13.45
CA ILE A 34 -9.34 1.98 -14.43
C ILE A 34 -8.44 0.76 -14.14
N ALA A 35 -8.21 0.43 -12.87
CA ALA A 35 -7.36 -0.74 -12.58
C ALA A 35 -8.01 -2.05 -13.04
N GLN A 36 -9.34 -2.19 -12.88
CA GLN A 36 -10.02 -3.34 -13.48
C GLN A 36 -9.84 -3.36 -15.00
N GLU A 37 -9.99 -2.22 -15.65
CA GLU A 37 -9.76 -2.21 -17.09
C GLU A 37 -8.32 -2.59 -17.43
N MET A 38 -7.37 -2.06 -16.67
CA MET A 38 -5.97 -2.40 -16.91
C MET A 38 -5.78 -3.91 -16.86
N ARG A 39 -6.38 -4.56 -15.85
CA ARG A 39 -6.22 -6.01 -15.75
C ARG A 39 -6.77 -6.71 -16.99
N LEU A 40 -7.85 -6.18 -17.58
CA LEU A 40 -8.39 -6.83 -18.77
C LEU A 40 -7.49 -6.62 -19.97
N GLY A 41 -7.11 -5.36 -20.22
CA GLY A 41 -6.19 -5.07 -21.30
C GLY A 41 -4.96 -5.95 -21.25
N VAL A 42 -4.33 -6.05 -20.08
CA VAL A 42 -3.12 -6.84 -19.97
C VAL A 42 -3.41 -8.31 -20.19
N GLN A 43 -4.54 -8.79 -19.65
CA GLN A 43 -4.82 -10.22 -19.82
C GLN A 43 -4.92 -10.58 -21.29
N ARG A 44 -5.32 -9.64 -22.14
CA ARG A 44 -5.42 -9.97 -23.56
C ARG A 44 -4.22 -9.58 -24.39
N GLU A 45 -3.47 -8.50 -24.09
CA GLU A 45 -2.36 -8.08 -24.96
C GLU A 45 -1.00 -7.84 -24.30
N GLY A 46 -0.87 -7.98 -22.97
CA GLY A 46 0.45 -7.95 -22.33
C GLY A 46 1.00 -6.55 -22.14
N VAL A 47 1.40 -5.91 -23.24
CA VAL A 47 1.84 -4.52 -23.26
C VAL A 47 0.82 -3.71 -24.06
N LEU A 48 0.15 -2.78 -23.38
CA LEU A 48 -0.81 -1.84 -23.98
C LEU A 48 -0.13 -0.65 -24.69
N ASP A 49 -0.95 0.39 -24.92
CA ASP A 49 -0.64 1.53 -25.79
C ASP A 49 -0.77 2.89 -25.11
N ILE A 50 -1.28 2.92 -23.87
CA ILE A 50 -1.69 4.15 -23.20
C ILE A 50 -0.57 5.18 -23.18
N LEU A 51 0.67 4.76 -22.86
CA LEU A 51 1.73 5.74 -22.59
C LEU A 51 2.96 5.59 -23.47
N ARG A 52 2.83 5.04 -24.68
CA ARG A 52 3.88 5.24 -25.68
C ARG A 52 4.26 6.72 -25.72
N GLY A 53 5.55 6.99 -25.82
CA GLY A 53 6.01 8.37 -25.81
C GLY A 53 6.22 8.98 -24.43
N LYS A 54 5.90 8.26 -23.36
CA LYS A 54 6.15 8.75 -22.02
C LYS A 54 7.31 7.98 -21.36
N VAL A 55 8.11 8.70 -20.59
CA VAL A 55 9.27 8.14 -19.90
C VAL A 55 9.07 8.34 -18.40
N LEU A 56 9.14 7.25 -17.64
CA LEU A 56 9.11 7.27 -16.19
C LEU A 56 10.50 6.94 -15.67
N CYS A 57 10.96 7.72 -14.71
N CYS A 57 11.01 7.80 -14.79
CA CYS A 57 12.21 7.45 -14.03
CA CYS A 57 12.17 7.49 -13.97
C CYS A 57 11.93 7.04 -12.59
C CYS A 57 11.72 6.88 -12.66
N THR A 58 12.50 5.91 -12.16
CA THR A 58 12.39 5.46 -10.76
C THR A 58 13.70 5.80 -10.05
N LEU A 59 13.60 6.37 -8.86
CA LEU A 59 14.72 6.99 -8.15
C LEU A 59 14.61 6.44 -6.73
N PHE A 60 15.30 5.34 -6.44
CA PHE A 60 15.18 4.67 -5.14
C PHE A 60 16.50 4.81 -4.38
N TYR A 61 16.48 5.51 -3.27
CA TYR A 61 17.66 5.71 -2.43
C TYR A 61 17.88 4.57 -1.44
N GLU A 62 16.88 3.75 -1.22
CA GLU A 62 16.96 2.50 -0.52
C GLU A 62 16.25 1.48 -1.40
N PRO A 63 16.77 0.27 -1.54
CA PRO A 63 16.14 -0.70 -2.46
C PRO A 63 14.83 -1.24 -1.89
N SER A 64 13.82 -1.39 -2.76
CA SER A 64 12.53 -2.05 -2.38
C SER A 64 12.06 -2.58 -3.72
N THR A 65 12.59 -3.76 -4.03
CA THR A 65 12.31 -4.53 -5.24
C THR A 65 10.80 -4.62 -5.54
N ARG A 66 9.99 -4.90 -4.53
CA ARG A 66 8.57 -5.05 -4.79
C ARG A 66 7.97 -3.78 -5.35
N THR A 67 8.36 -2.64 -4.79
CA THR A 67 7.82 -1.38 -5.25
C THR A 67 8.48 -0.90 -6.54
N SER A 68 9.81 -0.97 -6.62
CA SER A 68 10.48 -0.44 -7.80
CA SER A 68 10.47 -0.42 -7.81
C SER A 68 10.14 -1.26 -9.04
N ALA A 69 10.20 -2.59 -8.91
CA ALA A 69 9.88 -3.41 -10.06
C ALA A 69 8.38 -3.33 -10.41
N SER A 70 7.50 -3.20 -9.40
CA SER A 70 6.08 -2.96 -9.70
C SER A 70 5.88 -1.73 -10.57
N PHE A 71 6.50 -0.60 -10.21
CA PHE A 71 6.36 0.58 -11.09
C PHE A 71 7.04 0.40 -12.44
N ASP A 72 8.18 -0.30 -12.48
CA ASP A 72 8.84 -0.51 -13.76
C ASP A 72 7.90 -1.28 -14.68
N ALA A 73 7.36 -2.38 -14.16
CA ALA A 73 6.49 -3.25 -14.95
C ALA A 73 5.18 -2.55 -15.30
N ALA A 74 4.64 -1.74 -14.39
CA ALA A 74 3.45 -0.97 -14.75
C ALA A 74 3.74 -0.02 -15.90
N MET A 75 4.78 0.81 -15.77
CA MET A 75 5.03 1.72 -16.87
C MET A 75 5.19 0.96 -18.19
N GLN A 76 6.02 -0.09 -18.18
CA GLN A 76 6.31 -0.74 -19.45
C GLN A 76 5.07 -1.42 -20.03
N ARG A 77 4.20 -1.93 -19.17
CA ARG A 77 3.01 -2.56 -19.68
C ARG A 77 1.97 -1.55 -20.16
N LEU A 78 2.10 -0.28 -19.79
CA LEU A 78 1.37 0.82 -20.41
C LEU A 78 1.95 1.23 -21.75
N GLY A 79 3.05 0.61 -22.15
CA GLY A 79 3.76 0.98 -23.34
C GLY A 79 4.70 2.15 -23.20
N GLY A 80 4.89 2.69 -22.00
CA GLY A 80 5.91 3.68 -21.78
C GLY A 80 7.32 3.09 -21.63
N ARG A 81 8.29 3.99 -21.45
CA ARG A 81 9.68 3.66 -21.23
C ARG A 81 10.07 4.03 -19.80
N THR A 82 10.97 3.23 -19.23
CA THR A 82 11.46 3.40 -17.85
C THR A 82 12.98 3.59 -17.81
N ILE A 83 13.40 4.43 -16.88
CA ILE A 83 14.80 4.63 -16.51
C ILE A 83 14.93 4.37 -15.01
N PRO A 84 15.34 3.16 -14.60
CA PRO A 84 15.52 2.83 -13.18
C PRO A 84 16.88 3.30 -12.68
N ILE A 85 16.88 4.10 -11.63
CA ILE A 85 18.07 4.60 -10.97
C ILE A 85 18.15 3.98 -9.56
N GLN A 86 19.32 3.42 -9.25
CA GLN A 86 19.69 3.11 -7.87
C GLN A 86 20.80 4.04 -7.40
N THR A 87 20.59 4.74 -6.26
CA THR A 87 21.56 5.60 -5.57
C THR A 87 21.38 5.52 -4.05
N SER A 88 22.22 6.27 -3.33
CA SER A 88 22.25 6.35 -1.86
C SER A 88 22.48 7.80 -1.47
N THR A 89 22.05 8.14 -0.25
CA THR A 89 22.27 9.48 0.34
C THR A 89 23.76 9.84 0.54
N GLY A 95 28.66 13.54 -3.29
CA GLY A 95 27.54 13.92 -2.46
C GLY A 95 26.64 14.97 -3.14
N GLU A 96 25.58 14.50 -3.79
CA GLU A 96 24.67 15.40 -4.51
C GLU A 96 23.30 15.36 -3.86
N THR A 97 22.71 16.54 -3.73
CA THR A 97 21.48 16.69 -2.99
C THR A 97 20.31 16.14 -3.79
N LEU A 98 19.26 15.82 -3.06
CA LEU A 98 18.04 15.32 -3.66
C LEU A 98 17.43 16.34 -4.62
N GLN A 99 17.38 17.62 -4.24
CA GLN A 99 16.76 18.60 -5.15
C GLN A 99 17.56 18.75 -6.44
N ASP A 100 18.91 18.66 -6.37
CA ASP A 100 19.71 18.65 -7.60
C ASP A 100 19.45 17.39 -8.43
N THR A 101 19.35 16.24 -7.77
CA THR A 101 19.09 15.02 -8.55
C THR A 101 17.71 15.06 -9.20
N LEU A 102 16.69 15.49 -8.46
CA LEU A 102 15.35 15.60 -9.03
C LEU A 102 15.34 16.54 -10.23
N ARG A 103 15.93 17.71 -10.08
CA ARG A 103 15.93 18.63 -11.22
C ARG A 103 16.77 18.08 -12.38
N THR A 104 17.84 17.33 -12.08
CA THR A 104 18.58 16.68 -13.17
C THR A 104 17.67 15.76 -13.97
N LEU A 105 17.00 14.83 -13.26
CA LEU A 105 16.23 13.77 -13.89
C LEU A 105 14.91 14.23 -14.50
N ALA A 106 14.32 15.30 -13.94
CA ALA A 106 13.14 15.89 -14.53
C ALA A 106 13.36 16.30 -15.99
N ASN A 107 14.59 16.64 -16.38
CA ASN A 107 14.87 16.92 -17.81
C ASN A 107 14.85 15.70 -18.71
N TYR A 108 14.80 14.49 -18.16
CA TYR A 108 14.83 13.29 -18.99
C TYR A 108 13.51 12.57 -19.04
N SER A 109 12.69 12.69 -18.02
CA SER A 109 11.50 11.88 -17.90
C SER A 109 10.28 12.80 -17.67
N ASP A 110 9.12 12.21 -17.87
CA ASP A 110 7.86 12.89 -17.65
C ASP A 110 7.34 12.73 -16.23
N ALA A 111 7.94 11.87 -15.43
CA ALA A 111 7.58 11.76 -14.02
C ALA A 111 8.63 10.90 -13.31
N ILE A 112 8.63 10.97 -11.98
CA ILE A 112 9.63 10.30 -11.17
C ILE A 112 8.90 9.63 -10.04
N VAL A 113 9.18 8.34 -9.81
CA VAL A 113 8.87 7.69 -8.52
C VAL A 113 10.08 7.82 -7.61
N LEU A 114 9.85 8.35 -6.42
CA LEU A 114 10.88 8.69 -5.46
C LEU A 114 10.64 7.89 -4.20
N ARG A 115 11.67 7.15 -3.77
CA ARG A 115 11.71 6.58 -2.43
C ARG A 115 13.01 7.01 -1.79
N HIS A 116 12.91 7.52 -0.57
CA HIS A 116 13.96 8.23 0.10
C HIS A 116 13.79 8.11 1.61
N PRO A 117 14.92 7.98 2.35
CA PRO A 117 14.83 7.77 3.83
C PRO A 117 14.32 8.98 4.59
N ASP A 118 14.32 10.16 4.00
CA ASP A 118 13.93 11.40 4.66
C ASP A 118 12.46 11.68 4.39
N GLU A 119 11.64 11.73 5.45
CA GLU A 119 10.23 12.00 5.22
C GLU A 119 9.99 13.38 4.64
N LYS A 120 10.94 14.31 4.83
CA LYS A 120 10.75 15.62 4.22
C LYS A 120 10.99 15.60 2.73
N CYS A 121 11.37 14.44 2.13
CA CYS A 121 11.66 14.41 0.70
C CYS A 121 10.47 14.86 -0.13
N VAL A 122 9.24 14.59 0.35
CA VAL A 122 8.06 15.00 -0.42
C VAL A 122 8.00 16.51 -0.52
N ASP A 123 8.46 17.20 0.51
CA ASP A 123 8.46 18.65 0.52
C ASP A 123 9.51 19.18 -0.42
N VAL A 124 10.71 18.56 -0.38
CA VAL A 124 11.73 18.90 -1.36
C VAL A 124 11.16 18.71 -2.75
N ALA A 125 10.43 17.59 -2.97
CA ALA A 125 9.98 17.31 -4.34
C ALA A 125 8.96 18.34 -4.76
N LYS A 126 8.19 18.84 -3.80
CA LYS A 126 7.15 19.80 -4.13
C LYS A 126 7.78 21.14 -4.45
N LYS A 127 8.75 21.59 -3.62
CA LYS A 127 9.41 22.88 -3.89
C LYS A 127 10.22 22.92 -5.18
N TYR A 128 10.84 21.80 -5.65
CA TYR A 128 11.89 21.92 -6.67
C TYR A 128 11.62 21.18 -7.95
N CYS A 129 10.88 20.15 -7.94
CA CYS A 129 10.79 19.25 -9.06
C CYS A 129 9.69 19.72 -10.02
N PRO A 130 10.01 19.89 -11.29
CA PRO A 130 9.04 20.42 -12.25
C PRO A 130 8.28 19.35 -13.01
N VAL A 131 8.29 18.09 -12.55
CA VAL A 131 7.46 17.04 -13.14
C VAL A 131 6.77 16.32 -11.99
N PRO A 132 5.65 15.64 -12.26
CA PRO A 132 4.99 14.88 -11.20
C PRO A 132 5.93 13.86 -10.56
N VAL A 133 5.86 13.81 -9.24
CA VAL A 133 6.57 12.87 -8.41
C VAL A 133 5.55 11.98 -7.73
N ILE A 134 5.76 10.68 -7.82
CA ILE A 134 5.02 9.71 -7.05
C ILE A 134 5.83 9.28 -5.84
N ASN A 135 5.22 9.36 -4.66
CA ASN A 135 5.87 9.04 -3.41
C ASN A 135 5.93 7.53 -3.20
N GLY A 136 7.05 6.92 -3.52
CA GLY A 136 7.21 5.51 -3.28
C GLY A 136 7.67 5.17 -1.88
N GLY A 137 7.67 6.12 -0.96
CA GLY A 137 7.98 5.85 0.44
C GLY A 137 8.89 6.92 1.01
N ASN A 138 8.41 7.72 1.96
CA ASN A 138 9.17 8.87 2.46
C ASN A 138 9.49 8.64 3.92
N GLY A 139 10.71 8.15 4.16
CA GLY A 139 11.11 7.77 5.52
C GLY A 139 10.11 6.90 6.24
N SER A 140 9.43 6.00 5.52
CA SER A 140 8.43 5.10 6.09
C SER A 140 7.21 5.81 6.70
N LYS A 141 7.00 7.11 6.46
CA LYS A 141 5.81 7.82 6.94
C LYS A 141 4.59 7.53 6.07
N GLU A 142 4.71 7.70 4.76
CA GLU A 142 3.60 7.37 3.88
C GLU A 142 4.11 6.52 2.72
N HIS A 143 3.17 5.77 2.15
CA HIS A 143 3.40 4.96 0.95
C HIS A 143 2.06 4.82 0.27
N PRO A 144 1.62 5.86 -0.44
CA PRO A 144 0.19 5.96 -0.74
C PRO A 144 -0.32 4.88 -1.67
N THR A 145 0.44 4.52 -2.70
CA THR A 145 0.00 3.45 -3.59
C THR A 145 -0.05 2.12 -2.86
N GLN A 146 0.73 1.93 -1.80
CA GLN A 146 0.54 0.75 -0.96
C GLN A 146 -0.82 0.76 -0.29
N ALA A 147 -1.25 1.92 0.21
CA ALA A 147 -2.60 2.05 0.77
C ALA A 147 -3.66 1.78 -0.30
N PHE A 148 -3.50 2.41 -1.48
CA PHE A 148 -4.41 2.16 -2.58
C PHE A 148 -4.53 0.66 -2.88
N LEU A 149 -3.40 0.00 -3.16
CA LEU A 149 -3.50 -1.41 -3.51
C LEU A 149 -4.05 -2.22 -2.37
N ASP A 150 -3.87 -1.77 -1.11
CA ASP A 150 -4.45 -2.52 0.01
C ASP A 150 -5.98 -2.46 -0.02
N LEU A 151 -6.52 -1.23 -0.14
CA LEU A 151 -7.96 -1.08 -0.17
C LEU A 151 -8.55 -1.86 -1.32
N PHE A 152 -7.95 -1.70 -2.51
CA PHE A 152 -8.34 -2.44 -3.69
C PHE A 152 -8.29 -3.95 -3.44
N THR A 153 -7.28 -4.43 -2.72
CA THR A 153 -7.21 -5.85 -2.44
C THR A 153 -8.46 -6.30 -1.70
N ILE A 154 -8.86 -5.54 -0.68
CA ILE A 154 -10.02 -5.91 0.13
C ILE A 154 -11.26 -5.95 -0.74
N ARG A 155 -11.54 -4.83 -1.42
CA ARG A 155 -12.64 -4.75 -2.38
C ARG A 155 -12.65 -5.97 -3.31
N GLU A 156 -11.52 -6.24 -3.96
CA GLU A 156 -11.46 -7.30 -4.96
C GLU A 156 -11.73 -8.66 -4.38
N GLU A 157 -11.21 -8.95 -3.18
CA GLU A 157 -11.32 -10.30 -2.66
C GLU A 157 -12.68 -10.55 -2.01
N LEU A 158 -13.32 -9.51 -1.47
CA LEU A 158 -14.53 -9.73 -0.68
C LEU A 158 -15.79 -9.03 -1.21
N GLY A 159 -15.70 -8.21 -2.25
CA GLY A 159 -16.87 -7.44 -2.67
C GLY A 159 -17.07 -6.20 -1.81
N THR A 160 -18.29 -6.00 -1.33
CA THR A 160 -18.66 -4.71 -0.81
C THR A 160 -18.12 -4.51 0.60
N MET A 161 -17.76 -3.26 0.90
CA MET A 161 -17.08 -2.93 2.15
C MET A 161 -18.03 -2.92 3.35
N GLN A 162 -19.32 -2.66 3.12
CA GLN A 162 -20.30 -2.70 4.18
C GLN A 162 -20.32 -4.06 4.87
N GLY A 163 -20.31 -4.04 6.20
CA GLY A 163 -20.36 -5.24 6.99
C GLY A 163 -19.03 -5.82 7.42
N LEU A 164 -17.93 -5.38 6.81
CA LEU A 164 -16.66 -6.04 7.07
C LEU A 164 -16.15 -5.73 8.46
N THR A 165 -15.47 -6.73 9.05
CA THR A 165 -14.59 -6.51 10.18
C THR A 165 -13.13 -6.74 9.76
N ILE A 166 -12.31 -5.71 10.02
CA ILE A 166 -10.88 -5.68 9.72
C ILE A 166 -10.12 -5.73 11.04
N THR A 167 -9.17 -6.62 11.10
CA THR A 167 -8.33 -6.84 12.27
C THR A 167 -6.89 -6.57 11.86
N PHE A 168 -6.34 -5.47 12.38
CA PHE A 168 -4.91 -5.17 12.28
C PHE A 168 -4.19 -5.87 13.41
N VAL A 169 -3.13 -6.64 13.09
CA VAL A 169 -2.36 -7.33 14.11
C VAL A 169 -0.88 -6.89 14.07
N GLY A 170 -0.26 -6.79 15.24
CA GLY A 170 1.18 -6.69 15.30
C GLY A 170 1.72 -5.38 15.87
N ASP A 171 2.44 -4.61 15.06
CA ASP A 171 3.05 -3.35 15.50
C ASP A 171 2.27 -2.27 14.77
N LEU A 172 1.26 -1.75 15.46
CA LEU A 172 0.38 -0.71 14.94
C LEU A 172 0.88 0.72 15.18
N LEU A 173 1.90 0.91 16.03
CA LEU A 173 2.50 2.24 16.21
C LEU A 173 3.39 2.60 15.02
N TYR A 174 4.41 1.80 14.78
CA TYR A 174 5.28 1.99 13.64
C TYR A 174 4.77 1.38 12.35
N GLY A 175 3.55 0.86 12.31
CA GLY A 175 3.05 0.29 11.07
C GLY A 175 2.26 1.27 10.26
N ARG A 176 2.92 2.18 9.56
CA ARG A 176 2.12 3.27 8.98
C ARG A 176 1.16 2.83 7.90
N PRO A 177 1.43 1.75 7.15
CA PRO A 177 0.44 1.33 6.15
C PRO A 177 -0.92 1.14 6.78
N VAL A 178 -0.95 0.66 8.03
CA VAL A 178 -2.20 0.60 8.79
C VAL A 178 -2.82 1.99 8.88
N HIS A 179 -2.03 3.00 9.32
CA HIS A 179 -2.59 4.35 9.49
C HIS A 179 -3.13 4.89 8.18
N SER A 180 -2.38 4.69 7.08
CA SER A 180 -2.86 5.17 5.80
C SER A 180 -4.14 4.45 5.40
N LEU A 181 -4.26 3.19 5.81
CA LEU A 181 -5.43 2.46 5.36
C LEU A 181 -6.65 2.84 6.21
N VAL A 182 -6.46 3.03 7.52
CA VAL A 182 -7.52 3.62 8.35
C VAL A 182 -8.05 4.89 7.68
N TYR A 183 -7.14 5.81 7.31
CA TYR A 183 -7.60 6.99 6.60
C TYR A 183 -8.45 6.61 5.39
N LEU A 184 -8.00 5.66 4.56
CA LEU A 184 -8.77 5.38 3.33
C LEU A 184 -10.13 4.73 3.62
N LEU A 185 -10.23 3.99 4.73
CA LEU A 185 -11.45 3.39 5.22
C LEU A 185 -12.39 4.36 5.93
N ARG A 186 -12.00 5.63 6.10
CA ARG A 186 -12.92 6.58 6.73
C ARG A 186 -14.29 6.58 6.06
N HIS A 187 -14.38 6.29 4.75
CA HIS A 187 -15.64 6.36 4.01
C HIS A 187 -16.55 5.15 4.16
N TYR A 188 -16.22 4.16 4.98
CA TYR A 188 -16.86 2.86 4.86
C TYR A 188 -17.37 2.38 6.21
N GLN A 189 -18.51 1.68 6.17
CA GLN A 189 -19.13 1.16 7.38
C GLN A 189 -18.49 -0.19 7.68
N VAL A 190 -17.33 -0.12 8.32
CA VAL A 190 -16.54 -1.28 8.67
C VAL A 190 -16.38 -1.23 10.17
N LYS A 191 -16.08 -2.37 10.76
CA LYS A 191 -15.59 -2.38 12.13
C LYS A 191 -14.14 -2.85 12.12
N VAL A 192 -13.38 -2.40 13.11
CA VAL A 192 -11.95 -2.58 13.17
C VAL A 192 -11.58 -3.13 14.54
N GLN A 193 -10.76 -4.15 14.54
CA GLN A 193 -10.17 -4.66 15.76
C GLN A 193 -8.67 -4.42 15.69
N LEU A 194 -8.06 -4.20 16.84
CA LEU A 194 -6.67 -3.79 16.89
C LEU A 194 -6.00 -4.69 17.88
N VAL A 195 -5.08 -5.53 17.40
CA VAL A 195 -4.39 -6.46 18.25
C VAL A 195 -2.93 -6.04 18.21
N SER A 196 -2.39 -5.73 19.39
CA SER A 196 -1.02 -5.26 19.53
C SER A 196 -0.67 -5.27 21.01
N PRO A 197 0.61 -5.31 21.36
CA PRO A 197 0.98 -5.02 22.74
C PRO A 197 0.57 -3.59 23.09
N LYS A 198 0.51 -3.32 24.39
CA LYS A 198 0.16 -1.97 24.81
C LYS A 198 1.24 -0.98 24.36
N ALA A 199 2.51 -1.41 24.33
CA ALA A 199 3.57 -0.53 23.83
C ALA A 199 3.42 -0.12 22.37
N LEU A 200 2.59 -0.79 21.56
CA LEU A 200 2.57 -0.52 20.12
C LEU A 200 1.15 -0.30 19.60
N ARG A 201 0.27 0.23 20.44
CA ARG A 201 -1.05 0.61 20.00
C ARG A 201 -0.96 1.68 18.92
N LEU A 202 -2.06 1.92 18.24
CA LEU A 202 -2.11 3.04 17.33
C LEU A 202 -1.69 4.36 17.99
N PRO A 203 -1.17 5.32 17.24
CA PRO A 203 -1.10 6.71 17.75
C PRO A 203 -2.48 7.18 18.18
N PRO A 204 -2.58 7.92 19.30
CA PRO A 204 -3.92 8.33 19.77
C PRO A 204 -4.77 9.03 18.72
N ALA A 205 -4.17 9.82 17.84
CA ALA A 205 -4.97 10.49 16.80
C ALA A 205 -5.51 9.54 15.74
N VAL A 206 -4.81 8.42 15.46
CA VAL A 206 -5.33 7.47 14.46
C VAL A 206 -6.49 6.69 15.06
N ARG A 207 -6.30 6.20 16.29
CA ARG A 207 -7.38 5.63 17.10
C ARG A 207 -8.58 6.57 17.14
N GLN A 208 -8.32 7.86 17.37
CA GLN A 208 -9.39 8.84 17.42
C GLN A 208 -10.07 8.99 16.06
N GLN A 209 -9.30 8.89 14.98
CA GLN A 209 -9.91 8.79 13.66
C GLN A 209 -10.89 7.63 13.57
N LEU A 210 -10.62 6.52 14.28
CA LEU A 210 -11.49 5.35 14.16
C LEU A 210 -12.77 5.53 14.98
N VAL A 211 -12.64 5.94 16.24
CA VAL A 211 -13.84 6.16 17.03
C VAL A 211 -14.70 7.27 16.40
N ASP A 212 -14.07 8.31 15.84
CA ASP A 212 -14.85 9.36 15.18
C ASP A 212 -15.69 8.83 14.03
N ALA A 213 -15.23 7.81 13.32
CA ALA A 213 -15.97 7.27 12.19
C ALA A 213 -16.99 6.21 12.61
N GLY A 214 -17.07 5.91 13.90
CA GLY A 214 -17.94 4.86 14.40
C GLY A 214 -17.47 3.49 13.95
N GLN A 215 -16.21 3.17 14.23
CA GLN A 215 -15.58 1.98 13.66
C GLN A 215 -14.76 1.19 14.65
N LEU A 216 -14.30 1.75 15.75
CA LEU A 216 -13.47 0.98 16.66
C LEU A 216 -14.36 -0.02 17.37
N LEU A 217 -14.09 -1.31 17.14
CA LEU A 217 -14.83 -2.38 17.77
C LEU A 217 -14.15 -2.92 19.02
N CYS A 218 -12.89 -3.29 18.90
CA CYS A 218 -12.19 -4.04 19.93
C CYS A 218 -10.76 -3.59 19.87
N GLU A 219 -10.13 -3.52 21.03
CA GLU A 219 -8.69 -3.37 21.16
C GLU A 219 -8.23 -4.47 22.09
N SER A 220 -7.18 -5.19 21.71
CA SER A 220 -6.76 -6.34 22.52
C SER A 220 -5.26 -6.55 22.36
N GLU A 221 -4.64 -7.01 23.45
CA GLU A 221 -3.25 -7.46 23.41
C GLU A 221 -3.12 -8.91 22.96
N ALA A 222 -4.23 -9.65 22.89
CA ALA A 222 -4.23 -11.06 22.54
C ALA A 222 -4.94 -11.27 21.22
N LEU A 223 -4.42 -12.19 20.40
CA LEU A 223 -5.09 -12.59 19.17
C LEU A 223 -5.93 -13.81 19.51
N THR A 224 -7.22 -13.60 19.76
CA THR A 224 -8.06 -14.63 20.36
C THR A 224 -8.98 -15.28 19.36
N PRO A 225 -9.43 -16.50 19.67
CA PRO A 225 -10.34 -17.20 18.76
C PRO A 225 -11.59 -16.41 18.48
N GLU A 226 -12.05 -15.59 19.43
CA GLU A 226 -13.24 -14.77 19.22
C GLU A 226 -12.94 -13.61 18.29
N ILE A 227 -11.80 -12.93 18.50
CA ILE A 227 -11.39 -11.92 17.54
C ILE A 227 -11.24 -12.55 16.17
N LEU A 228 -10.60 -13.72 16.12
CA LEU A 228 -10.37 -14.36 14.82
C LEU A 228 -11.68 -14.77 14.16
N GLY A 229 -12.66 -15.24 14.97
CA GLY A 229 -13.91 -15.75 14.40
C GLY A 229 -14.71 -14.70 13.69
N ARG A 230 -14.56 -13.43 14.08
CA ARG A 230 -15.30 -12.36 13.42
C ARG A 230 -14.45 -11.57 12.42
N THR A 231 -13.26 -12.05 12.05
CA THR A 231 -12.36 -11.32 11.13
C THR A 231 -12.70 -11.65 9.68
N ASP A 232 -13.12 -10.63 8.93
CA ASP A 232 -13.16 -10.74 7.48
C ASP A 232 -11.78 -10.50 6.82
N VAL A 233 -10.94 -9.64 7.44
CA VAL A 233 -9.63 -9.25 6.90
C VAL A 233 -8.62 -9.24 8.04
N LEU A 234 -7.59 -10.06 7.93
CA LEU A 234 -6.54 -10.18 8.94
C LEU A 234 -5.27 -9.54 8.35
N TYR A 235 -5.07 -8.24 8.61
CA TYR A 235 -3.97 -7.47 8.05
C TYR A 235 -2.84 -7.49 9.07
N CYS A 236 -1.77 -8.22 8.75
CA CYS A 236 -0.64 -8.40 9.66
C CYS A 236 0.46 -7.40 9.33
N THR A 237 1.22 -7.03 10.35
CA THR A 237 2.38 -6.17 10.19
C THR A 237 3.59 -6.90 10.73
N ARG A 238 4.75 -6.47 10.28
CA ARG A 238 5.97 -7.00 10.85
C ARG A 238 6.14 -6.45 12.26
N VAL A 239 6.71 -7.29 13.12
CA VAL A 239 7.02 -6.97 14.50
C VAL A 239 8.52 -7.16 14.67
N GLN A 240 9.28 -6.08 14.74
CA GLN A 240 10.73 -6.18 14.74
C GLN A 240 11.28 -6.18 16.16
N LYS A 241 12.39 -6.90 16.36
CA LYS A 241 12.91 -7.08 17.72
C LYS A 241 13.29 -5.75 18.38
N GLU A 242 13.64 -4.73 17.60
CA GLU A 242 14.06 -3.44 18.15
C GLU A 242 12.92 -2.72 18.85
N ARG A 243 11.67 -3.01 18.47
CA ARG A 243 10.53 -2.39 19.13
C ARG A 243 10.32 -2.90 20.55
N PHE A 244 11.15 -3.80 21.06
CA PHE A 244 10.96 -4.30 22.40
C PHE A 244 12.28 -4.14 23.13
N PRO A 245 12.26 -3.75 24.37
CA PRO A 245 13.50 -3.82 25.13
C PRO A 245 13.89 -5.25 25.43
N SER A 246 12.97 -6.02 26.01
CA SER A 246 13.31 -7.36 26.50
C SER A 246 12.95 -8.41 25.45
N LEU A 247 13.97 -9.13 24.98
CA LEU A 247 13.77 -10.21 24.01
C LEU A 247 12.60 -11.13 24.38
N ALA A 248 12.51 -11.53 25.65
CA ALA A 248 11.44 -12.42 26.09
C ALA A 248 10.07 -11.90 25.66
N GLU A 249 9.83 -10.61 25.92
CA GLU A 249 8.60 -9.96 25.51
C GLU A 249 8.37 -10.13 24.01
N PHE A 250 9.38 -9.77 23.21
CA PHE A 250 9.30 -9.84 21.76
C PHE A 250 8.90 -11.23 21.27
N GLU A 251 9.54 -12.29 21.79
CA GLU A 251 9.18 -13.62 21.34
C GLU A 251 7.80 -14.03 21.84
N ALA A 252 7.48 -13.75 23.10
CA ALA A 252 6.09 -13.94 23.55
C ALA A 252 5.10 -13.39 22.52
N VAL A 253 5.38 -12.18 22.01
CA VAL A 253 4.44 -11.49 21.12
C VAL A 253 4.45 -12.12 19.72
N LYS A 254 5.62 -12.49 19.21
CA LYS A 254 5.67 -13.29 17.98
C LYS A 254 4.80 -14.53 18.08
N ASP A 255 5.12 -15.43 19.02
CA ASP A 255 4.35 -16.66 19.16
C ASP A 255 2.87 -16.40 19.29
N SER A 256 2.48 -15.36 20.02
CA SER A 256 1.04 -15.05 20.12
C SER A 256 0.45 -14.70 18.78
N TYR A 257 1.16 -13.90 17.96
CA TYR A 257 0.56 -13.32 16.76
C TYR A 257 0.79 -14.12 15.47
N ARG A 258 1.64 -15.13 15.50
CA ARG A 258 1.99 -15.87 14.30
C ARG A 258 0.74 -16.48 13.67
N ILE A 259 0.49 -16.12 12.42
CA ILE A 259 -0.56 -16.74 11.59
C ILE A 259 0.01 -18.03 11.05
N ASP A 260 -0.44 -19.15 11.63
CA ASP A 260 -0.19 -20.51 11.14
C ASP A 260 -1.50 -21.30 11.10
N TYR A 261 -1.45 -22.62 10.90
CA TYR A 261 -2.69 -23.38 10.74
C TYR A 261 -3.50 -23.40 12.02
N SER A 262 -2.83 -23.56 13.17
CA SER A 262 -3.53 -23.47 14.44
C SER A 262 -4.20 -22.11 14.66
N THR A 263 -3.73 -21.07 14.00
CA THR A 263 -4.40 -19.80 14.15
C THR A 263 -5.52 -19.63 13.14
N LEU A 264 -5.33 -20.11 11.91
CA LEU A 264 -6.36 -19.95 10.89
C LEU A 264 -7.59 -20.81 11.17
N LYS A 265 -7.42 -21.93 11.88
CA LYS A 265 -8.57 -22.76 12.17
C LYS A 265 -9.66 -21.99 12.90
N TYR A 266 -9.30 -20.96 13.68
CA TYR A 266 -10.28 -20.14 14.39
C TYR A 266 -10.86 -19.03 13.53
N ALA A 267 -10.48 -18.96 12.29
CA ALA A 267 -10.87 -17.87 11.43
C ALA A 267 -12.06 -18.29 10.59
N LYS A 268 -12.50 -17.42 9.79
CA LYS A 268 -13.54 -17.75 8.86
C LYS A 268 -12.98 -18.43 7.62
N PRO A 269 -13.80 -19.25 6.95
CA PRO A 269 -13.38 -19.80 5.66
C PRO A 269 -13.08 -18.75 4.64
N THR A 270 -13.59 -17.54 4.82
CA THR A 270 -13.44 -16.44 3.86
C THR A 270 -12.49 -15.33 4.34
N THR A 271 -11.79 -15.55 5.43
CA THR A 271 -10.88 -14.55 5.96
C THR A 271 -9.71 -14.29 4.99
N VAL A 272 -9.59 -13.06 4.52
CA VAL A 272 -8.46 -12.60 3.71
C VAL A 272 -7.28 -12.23 4.62
N VAL A 273 -6.16 -12.94 4.49
CA VAL A 273 -4.93 -12.65 5.25
C VAL A 273 -4.04 -11.74 4.40
N MET A 274 -3.79 -10.51 4.88
CA MET A 274 -2.98 -9.53 4.16
C MET A 274 -1.70 -9.23 4.93
N HIS A 275 -0.70 -8.68 4.19
CA HIS A 275 0.62 -8.30 4.72
C HIS A 275 1.31 -7.38 3.73
N PRO A 276 1.76 -6.17 4.14
CA PRO A 276 2.43 -5.25 3.18
C PRO A 276 3.75 -5.79 2.67
N LEU A 277 4.39 -6.67 3.43
CA LEU A 277 5.64 -7.35 3.09
C LEU A 277 6.78 -6.33 3.08
N PRO A 278 8.03 -6.75 3.39
CA PRO A 278 8.44 -8.13 3.70
C PRO A 278 7.93 -8.61 5.01
N ARG A 279 7.94 -9.92 5.21
CA ARG A 279 7.54 -10.56 6.45
C ARG A 279 8.75 -11.25 7.07
N ASN A 280 8.74 -11.42 8.40
CA ASN A 280 9.65 -12.34 9.05
C ASN A 280 8.91 -13.66 9.21
N GLU A 281 8.59 -14.02 10.44
CA GLU A 281 7.93 -15.29 10.73
C GLU A 281 6.48 -15.10 11.16
N GLU A 282 5.92 -13.89 11.07
CA GLU A 282 4.60 -13.66 11.61
C GLU A 282 3.52 -14.18 10.68
N VAL A 283 3.85 -14.61 9.48
CA VAL A 283 2.97 -15.47 8.69
C VAL A 283 3.78 -16.68 8.24
N ALA A 284 3.39 -17.85 8.74
CA ALA A 284 4.12 -19.08 8.46
C ALA A 284 4.01 -19.46 6.98
N GLU A 285 5.11 -20.03 6.46
CA GLU A 285 5.15 -20.53 5.08
C GLU A 285 4.08 -21.59 4.83
N GLU A 286 3.80 -22.42 5.85
CA GLU A 286 2.79 -23.50 5.74
C GLU A 286 1.43 -22.96 5.33
N VAL A 287 1.24 -21.64 5.38
CA VAL A 287 -0.03 -21.02 5.06
C VAL A 287 -0.05 -20.43 3.66
N ASP A 288 1.07 -20.41 2.94
CA ASP A 288 1.15 -19.63 1.71
C ASP A 288 0.23 -20.17 0.61
N PHE A 289 0.00 -21.46 0.60
CA PHE A 289 -0.81 -22.08 -0.44
C PHE A 289 -2.29 -22.06 -0.11
N ASP A 290 -2.64 -21.60 1.10
CA ASP A 290 -4.01 -21.54 1.54
C ASP A 290 -4.70 -20.47 0.75
N GLN A 291 -5.89 -20.79 0.26
CA GLN A 291 -6.71 -19.83 -0.48
C GLN A 291 -6.81 -18.47 0.19
N ARG A 292 -6.84 -18.45 1.53
CA ARG A 292 -7.03 -17.19 2.19
C ARG A 292 -5.77 -16.32 2.15
N ALA A 293 -4.62 -16.87 1.77
CA ALA A 293 -3.34 -16.16 1.80
C ALA A 293 -3.31 -15.26 0.60
N ALA A 294 -3.51 -13.95 0.83
CA ALA A 294 -3.68 -13.02 -0.26
C ALA A 294 -2.46 -12.10 -0.49
N TYR A 295 -1.41 -12.27 0.29
CA TYR A 295 -0.29 -11.33 0.24
C TYR A 295 0.55 -11.40 -1.04
N PHE A 296 0.49 -12.49 -1.82
CA PHE A 296 1.03 -12.41 -3.17
C PHE A 296 0.00 -11.88 -4.16
N ARG A 297 -1.29 -12.16 -3.99
CA ARG A 297 -2.24 -11.53 -4.90
C ARG A 297 -2.26 -10.01 -4.75
N GLN A 298 -2.02 -9.52 -3.52
CA GLN A 298 -1.81 -8.11 -3.26
C GLN A 298 -0.94 -7.46 -4.31
N MET A 299 0.16 -8.11 -4.67
CA MET A 299 1.10 -7.42 -5.55
C MET A 299 0.61 -7.40 -6.98
N ARG A 300 -0.13 -8.41 -7.42
CA ARG A 300 -0.72 -8.30 -8.76
C ARG A 300 -1.81 -7.22 -8.77
N TYR A 301 -2.58 -7.10 -7.66
CA TYR A 301 -3.49 -5.95 -7.60
C TYR A 301 -2.73 -4.62 -7.64
N GLY A 302 -1.61 -4.53 -6.90
CA GLY A 302 -0.78 -3.33 -7.00
C GLY A 302 -0.27 -3.06 -8.39
N LEU A 303 0.03 -4.12 -9.17
CA LEU A 303 0.35 -3.87 -10.57
C LEU A 303 -0.79 -3.10 -11.25
N TYR A 304 -2.03 -3.62 -11.15
CA TYR A 304 -3.10 -2.98 -11.93
C TYR A 304 -3.40 -1.57 -11.43
N CYS A 305 -3.30 -1.35 -10.10
CA CYS A 305 -3.51 -0.01 -9.53
CA CYS A 305 -3.51 -0.02 -9.53
C CYS A 305 -2.45 0.96 -9.99
N ARG A 306 -1.18 0.54 -10.05
CA ARG A 306 -0.15 1.49 -10.45
C ARG A 306 -0.21 1.76 -11.94
N MET A 307 -0.58 0.78 -12.77
CA MET A 307 -0.88 1.10 -14.17
C MET A 307 -1.94 2.20 -14.26
N ALA A 308 -3.02 2.06 -13.46
CA ALA A 308 -4.07 3.07 -13.49
C ALA A 308 -3.54 4.42 -13.04
N LEU A 309 -2.80 4.44 -11.94
CA LEU A 309 -2.28 5.69 -11.42
C LEU A 309 -1.34 6.36 -12.42
N LEU A 310 -0.43 5.59 -13.01
CA LEU A 310 0.47 6.18 -14.00
C LEU A 310 -0.29 6.72 -15.22
N ALA A 311 -1.28 5.95 -15.73
CA ALA A 311 -2.13 6.41 -16.84
C ALA A 311 -2.81 7.73 -16.49
N LEU A 312 -3.38 7.84 -15.28
CA LEU A 312 -4.04 9.08 -14.88
C LEU A 312 -3.07 10.22 -14.70
N VAL A 313 -1.95 9.99 -14.02
CA VAL A 313 -1.04 11.11 -13.80
C VAL A 313 -0.48 11.61 -15.12
N MET A 314 -0.10 10.71 -16.02
CA MET A 314 0.57 11.11 -17.26
C MET A 314 -0.38 11.13 -18.45
N SER A 315 -1.69 11.05 -18.20
CA SER A 315 -2.72 11.24 -19.21
C SER A 315 -2.79 10.03 -20.13
C1 GOL B . -14.07 13.10 -0.23
O1 GOL B . -15.08 12.15 -0.46
C2 GOL B . -14.22 13.69 1.17
O2 GOL B . -15.29 13.06 1.84
C3 GOL B . -12.94 13.47 1.97
O3 GOL B . -13.03 14.11 3.23
H11 GOL B . -13.08 12.64 -0.33
H12 GOL B . -14.14 13.90 -0.97
HO1 GOL B . -15.02 11.83 -1.39
H2 GOL B . -14.41 14.76 1.09
HO2 GOL B . -15.09 12.10 1.94
H31 GOL B . -12.78 12.40 2.12
H32 GOL B . -12.09 13.87 1.42
HO3 GOL B . -12.23 13.89 3.76
C1 GOL C . 2.61 19.58 -11.19
O1 GOL C . 2.65 18.21 -10.83
C2 GOL C . 4.08 19.96 -11.18
O2 GOL C . 4.83 18.86 -11.67
C3 GOL C . 4.38 21.17 -12.06
O3 GOL C . 5.59 21.67 -11.47
H11 GOL C . 2.17 19.72 -12.18
H12 GOL C . 2.06 20.17 -10.46
HO1 GOL C . 1.74 17.87 -10.73
H2 GOL C . 4.39 20.18 -10.16
HO2 GOL C . 4.58 18.68 -12.61
H31 GOL C . 4.54 20.90 -13.09
H32 GOL C . 3.58 21.91 -11.99
HO3 GOL C . 6.12 20.92 -11.14
#